data_5XAX
#
_entry.id   5XAX
#
_cell.length_a   131.545
_cell.length_b   131.545
_cell.length_c   131.545
_cell.angle_alpha   90.00
_cell.angle_beta   90.00
_cell.angle_gamma   90.00
#
_symmetry.space_group_name_H-M   'I 2 3'
#
loop_
_entity.id
_entity.type
_entity.pdbx_description
1 polymer 'Sodium channel subunit beta-4'
2 non-polymer GLYCEROL
#
_entity_poly.entity_id   1
_entity_poly.type   'polypeptide(L)'
_entity_poly.pdbx_seq_one_letter_code
;GPLGSLEVSVGKATTIYAINGSSILLPCTFSSCYGFENLYFKWSYNNSETSRILIDGIVKNDKSDPKVRVKDDDRITLEG
STKEKTNNISILLSDLEFSDTGRYTCFVRNPKEKDLNNSATIFLQVVDKLEKVDNHHHHH
;
_entity_poly.pdbx_strand_id   A,B
#
loop_
_chem_comp.id
_chem_comp.type
_chem_comp.name
_chem_comp.formula
GOL non-polymer GLYCEROL 'C3 H8 O3'
#
# COMPACT_ATOMS: atom_id res chain seq x y z
N SER A 5 21.40 0.16 1.95
CA SER A 5 20.10 -0.46 2.21
C SER A 5 19.00 0.17 1.35
N LEU A 6 17.90 -0.57 1.17
CA LEU A 6 16.78 -0.14 0.36
C LEU A 6 15.47 -0.47 1.07
N GLU A 7 14.44 0.32 0.77
CA GLU A 7 13.09 0.14 1.30
C GLU A 7 12.10 0.29 0.14
N VAL A 8 11.93 -0.79 -0.62
CA VAL A 8 10.92 -0.85 -1.68
C VAL A 8 9.59 -1.29 -1.07
N SER A 9 8.50 -0.69 -1.54
CA SER A 9 7.20 -0.94 -0.93
C SER A 9 6.10 -0.63 -1.92
N VAL A 10 4.86 -0.88 -1.48
CA VAL A 10 3.70 -0.64 -2.34
C VAL A 10 3.30 0.84 -2.36
N GLY A 11 3.60 1.58 -1.31
CA GLY A 11 3.25 2.98 -1.24
C GLY A 11 2.59 3.28 0.09
N LYS A 12 1.86 4.38 0.14
CA LYS A 12 1.17 4.80 1.36
C LYS A 12 -0.30 4.45 1.38
N ALA A 13 -0.89 4.10 0.24
CA ALA A 13 -2.33 3.89 0.13
C ALA A 13 -2.62 2.53 -0.49
N THR A 14 -3.52 1.78 0.13
CA THR A 14 -3.98 0.53 -0.45
C THR A 14 -5.45 0.34 -0.10
N THR A 15 -6.11 -0.52 -0.88
CA THR A 15 -7.51 -0.86 -0.66
C THR A 15 -7.63 -2.32 -0.26
N ILE A 16 -8.58 -2.61 0.63
CA ILE A 16 -8.68 -3.91 1.29
C ILE A 16 -10.15 -4.27 1.45
N TYR A 17 -10.49 -5.52 1.14
CA TYR A 17 -11.84 -6.03 1.27
C TYR A 17 -11.88 -7.08 2.36
N ALA A 18 -12.91 -7.00 3.20
CA ALA A 18 -13.01 -7.90 4.35
C ALA A 18 -14.46 -8.24 4.61
N ILE A 19 -14.68 -9.44 5.17
CA ILE A 19 -16.03 -9.97 5.37
C ILE A 19 -16.58 -9.44 6.68
N ASN A 20 -17.85 -9.04 6.64
CA ASN A 20 -18.54 -8.61 7.86
C ASN A 20 -18.45 -9.70 8.91
N GLY A 21 -18.13 -9.29 10.14
CA GLY A 21 -18.00 -10.20 11.26
C GLY A 21 -16.62 -10.79 11.44
N SER A 22 -15.74 -10.68 10.46
CA SER A 22 -14.40 -11.23 10.59
C SER A 22 -13.48 -10.20 11.22
N SER A 23 -12.18 -10.50 11.24
CA SER A 23 -11.17 -9.55 11.68
C SER A 23 -10.34 -9.14 10.47
N ILE A 24 -9.90 -7.89 10.47
CA ILE A 24 -9.06 -7.38 9.40
C ILE A 24 -7.88 -6.62 9.99
N LEU A 25 -6.73 -6.75 9.34
CA LEU A 25 -5.50 -6.09 9.74
C LEU A 25 -5.21 -4.95 8.77
N LEU A 26 -5.19 -3.73 9.28
CA LEU A 26 -4.85 -2.58 8.45
C LEU A 26 -3.36 -2.27 8.60
N PRO A 27 -2.57 -2.37 7.54
CA PRO A 27 -1.10 -2.34 7.69
C PRO A 27 -0.51 -0.94 7.68
N CYS A 28 0.47 -0.73 8.55
CA CYS A 28 1.29 0.47 8.51
C CYS A 28 2.60 0.19 9.22
N THR A 29 3.70 0.22 8.47
CA THR A 29 5.05 0.21 9.02
C THR A 29 5.76 1.45 8.54
N PHE A 30 6.67 1.96 9.37
CA PHE A 30 7.40 3.18 9.05
C PHE A 30 8.89 2.92 9.21
N SER A 31 9.67 3.75 8.52
CA SER A 31 11.12 3.64 8.56
C SER A 31 11.73 5.04 8.59
N SER A 32 12.76 5.19 9.41
CA SER A 32 13.64 6.36 9.37
C SER A 32 15.07 5.86 9.49
N CYS A 33 15.93 6.27 8.57
CA CYS A 33 17.35 6.03 8.73
C CYS A 33 17.95 6.96 9.77
N TYR A 34 17.20 7.99 10.16
CA TYR A 34 17.65 8.95 11.17
C TYR A 34 17.90 8.26 12.50
N GLY A 35 16.96 7.42 12.94
CA GLY A 35 16.81 7.14 14.36
C GLY A 35 16.17 8.33 15.06
N PHE A 36 15.51 8.08 16.18
CA PHE A 36 14.57 9.11 16.55
C PHE A 36 14.32 9.24 18.05
N GLU A 37 13.54 10.27 18.34
CA GLU A 37 13.01 10.69 19.63
C GLU A 37 11.83 9.81 20.00
N ASN A 38 11.02 10.26 20.96
CA ASN A 38 9.67 9.74 21.04
C ASN A 38 8.92 10.06 19.74
N LEU A 39 8.12 9.09 19.30
CA LEU A 39 7.56 9.08 17.95
C LEU A 39 6.05 8.84 18.01
N TYR A 40 5.29 9.89 17.72
CA TYR A 40 3.85 9.87 17.91
C TYR A 40 3.13 9.40 16.65
N PHE A 41 2.06 8.64 16.84
CA PHE A 41 1.23 8.19 15.73
C PHE A 41 -0.22 8.07 16.18
N LYS A 42 -1.12 8.06 15.20
CA LYS A 42 -2.55 7.95 15.50
C LYS A 42 -3.28 7.36 14.30
N TRP A 43 -4.35 6.62 14.60
CA TRP A 43 -5.22 6.04 13.59
C TRP A 43 -6.57 6.74 13.66
N SER A 44 -6.97 7.37 12.56
CA SER A 44 -8.27 8.01 12.45
C SER A 44 -9.10 7.31 11.38
N TYR A 45 -10.41 7.49 11.46
CA TYR A 45 -11.35 6.88 10.54
C TYR A 45 -12.22 7.96 9.92
N ASN A 46 -12.51 7.83 8.62
CA ASN A 46 -13.24 8.84 7.88
C ASN A 46 -14.29 8.21 6.97
N ASN A 47 -15.37 8.94 6.77
CA ASN A 47 -16.36 8.65 5.73
C ASN A 47 -16.95 10.00 5.30
N SER A 48 -18.10 9.95 4.62
CA SER A 48 -18.75 11.19 4.22
C SER A 48 -19.14 12.03 5.43
N GLU A 49 -19.90 11.44 6.36
CA GLU A 49 -20.44 12.20 7.48
C GLU A 49 -19.40 12.72 8.45
N THR A 50 -18.70 11.84 9.17
CA THR A 50 -17.90 12.25 10.31
C THR A 50 -16.55 11.55 10.29
N SER A 51 -15.84 11.65 11.40
CA SER A 51 -14.51 11.05 11.56
C SER A 51 -14.21 10.90 13.04
N ARG A 52 -13.82 9.70 13.46
CA ARG A 52 -13.47 9.46 14.86
C ARG A 52 -12.03 8.99 14.98
N ILE A 53 -11.50 9.12 16.17
CA ILE A 53 -10.16 8.66 16.51
C ILE A 53 -10.27 7.21 16.97
N LEU A 54 -9.34 6.37 16.51
CA LEU A 54 -9.34 4.96 16.92
C LEU A 54 -8.37 4.71 18.07
N ILE A 55 -7.08 4.94 17.84
CA ILE A 55 -6.08 4.87 18.88
C ILE A 55 -5.02 5.91 18.54
N ASP A 56 -4.30 6.37 19.56
CA ASP A 56 -3.05 7.08 19.37
C ASP A 56 -1.95 6.29 20.07
N GLY A 57 -0.71 6.67 19.84
CA GLY A 57 0.34 5.88 20.45
C GLY A 57 1.71 6.53 20.34
N ILE A 58 2.70 5.79 20.84
CA ILE A 58 4.08 6.27 20.94
C ILE A 58 4.98 5.08 20.67
N VAL A 59 6.12 5.35 20.04
CA VAL A 59 7.26 4.45 20.09
C VAL A 59 8.35 5.22 20.82
N LYS A 60 8.79 4.69 21.97
CA LYS A 60 9.82 5.39 22.73
C LYS A 60 11.09 5.51 21.90
N ASN A 61 11.38 4.51 21.10
CA ASN A 61 12.57 4.48 20.25
C ASN A 61 12.45 3.30 19.30
N ASP A 62 13.31 3.30 18.29
CA ASP A 62 13.41 2.17 17.37
C ASP A 62 13.74 0.88 18.13
N LYS A 63 14.44 1.01 19.25
CA LYS A 63 14.82 -0.16 20.03
C LYS A 63 13.62 -0.75 20.77
N SER A 64 12.66 0.08 21.17
CA SER A 64 11.37 -0.37 21.65
C SER A 64 10.37 -0.41 20.50
N ASP A 65 9.09 -0.56 20.84
CA ASP A 65 8.03 -0.89 19.90
C ASP A 65 6.91 0.14 19.97
N PRO A 66 5.86 0.05 19.14
CA PRO A 66 4.74 1.00 19.28
C PRO A 66 3.76 0.62 20.38
N LYS A 67 3.52 1.57 21.29
CA LYS A 67 2.62 1.42 22.42
C LYS A 67 1.51 2.47 22.35
N VAL A 68 0.32 2.13 22.87
CA VAL A 68 -0.89 2.93 22.69
C VAL A 68 -1.21 3.73 23.95
N ARG A 69 -1.66 4.98 23.79
CA ARG A 69 -2.17 5.79 24.90
C ARG A 69 -3.69 5.87 24.90
N VAL A 70 -4.28 6.39 23.83
CA VAL A 70 -5.72 6.59 23.70
C VAL A 70 -6.29 5.41 22.96
N LYS A 71 -7.48 4.96 23.38
CA LYS A 71 -8.16 3.85 22.73
C LYS A 71 -9.65 4.08 22.85
N ASP A 72 -10.32 4.28 21.72
CA ASP A 72 -11.74 4.55 21.70
C ASP A 72 -12.56 3.48 21.00
N ASP A 73 -11.92 2.45 20.46
CA ASP A 73 -12.60 1.27 19.95
C ASP A 73 -11.92 0.06 20.56
N ASP A 74 -12.66 -0.71 21.36
CA ASP A 74 -12.10 -1.88 22.02
C ASP A 74 -11.76 -2.99 21.03
N ARG A 75 -12.27 -2.92 19.80
CA ARG A 75 -11.94 -3.91 18.80
C ARG A 75 -10.55 -3.69 18.20
N ILE A 76 -9.99 -2.50 18.34
CA ILE A 76 -8.64 -2.25 17.84
C ILE A 76 -7.63 -3.03 18.66
N THR A 77 -6.67 -3.64 17.99
CA THR A 77 -5.55 -4.29 18.66
C THR A 77 -4.31 -4.02 17.84
N LEU A 78 -3.30 -3.47 18.48
CA LEU A 78 -2.03 -3.18 17.85
C LEU A 78 -1.06 -4.29 18.24
N GLU A 79 -0.65 -5.09 17.27
CA GLU A 79 0.43 -6.03 17.51
C GLU A 79 1.10 -6.38 16.19
N GLY A 80 2.43 -6.38 16.22
CA GLY A 80 3.28 -6.77 15.11
C GLY A 80 4.72 -6.82 15.56
N SER A 81 5.54 -7.64 14.92
CA SER A 81 6.95 -7.75 15.31
C SER A 81 7.73 -6.50 14.91
N THR A 86 11.90 -2.34 10.31
CA THR A 86 10.67 -1.57 10.15
C THR A 86 9.72 -1.76 11.33
N ASN A 87 9.64 -0.75 12.20
CA ASN A 87 8.62 -0.75 13.24
C ASN A 87 7.25 -0.70 12.60
N ASN A 88 6.31 -1.49 13.14
CA ASN A 88 5.02 -1.70 12.52
C ASN A 88 3.94 -1.18 13.45
N ILE A 89 3.15 -0.22 12.98
CA ILE A 89 2.03 0.31 13.73
C ILE A 89 0.71 -0.22 13.20
N SER A 90 0.74 -1.32 12.44
CA SER A 90 -0.49 -1.93 11.97
C SER A 90 -1.38 -2.28 13.15
N ILE A 91 -2.69 -2.24 12.92
CA ILE A 91 -3.69 -2.56 13.91
C ILE A 91 -4.59 -3.64 13.34
N LEU A 92 -5.18 -4.43 14.23
CA LEU A 92 -6.11 -5.48 13.83
C LEU A 92 -7.49 -5.09 14.34
N LEU A 93 -8.39 -4.78 13.42
CA LEU A 93 -9.77 -4.47 13.76
C LEU A 93 -10.57 -5.76 13.75
N SER A 94 -11.19 -6.08 14.88
CA SER A 94 -11.95 -7.31 15.05
C SER A 94 -13.44 -6.99 15.09
N ASP A 95 -14.25 -8.03 14.92
CA ASP A 95 -15.70 -7.94 14.95
C ASP A 95 -16.19 -6.89 13.96
N LEU A 96 -15.83 -7.12 12.70
CA LEU A 96 -16.14 -6.18 11.64
C LEU A 96 -17.63 -5.96 11.51
N GLU A 97 -18.02 -4.72 11.26
CA GLU A 97 -19.39 -4.37 10.96
C GLU A 97 -19.44 -3.61 9.65
N PHE A 98 -20.64 -3.52 9.07
CA PHE A 98 -20.78 -2.87 7.77
C PHE A 98 -20.40 -1.40 7.84
N SER A 99 -20.67 -0.74 8.97
CA SER A 99 -20.34 0.68 9.13
C SER A 99 -18.86 0.93 9.35
N ASP A 100 -18.03 -0.12 9.42
CA ASP A 100 -16.59 0.05 9.45
C ASP A 100 -16.02 0.39 8.09
N THR A 101 -16.85 0.36 7.04
CA THR A 101 -16.40 0.76 5.71
C THR A 101 -16.02 2.23 5.71
N GLY A 102 -14.87 2.53 5.11
CA GLY A 102 -14.40 3.90 5.08
C GLY A 102 -12.90 3.95 4.87
N ARG A 103 -12.31 5.09 5.23
CA ARG A 103 -10.89 5.34 5.03
C ARG A 103 -10.21 5.40 6.40
N TYR A 104 -9.16 4.59 6.56
CA TYR A 104 -8.40 4.53 7.81
C TYR A 104 -7.05 5.18 7.57
N THR A 105 -6.77 6.27 8.28
CA THR A 105 -5.55 7.06 8.11
C THR A 105 -4.61 6.85 9.29
N CYS A 106 -3.36 6.52 9.00
CA CYS A 106 -2.33 6.36 10.02
C CYS A 106 -1.30 7.48 9.85
N PHE A 107 -1.22 8.35 10.84
CA PHE A 107 -0.38 9.56 10.80
C PHE A 107 0.78 9.41 11.77
N VAL A 108 1.96 9.92 11.39
CA VAL A 108 3.19 9.70 12.15
C VAL A 108 3.96 11.02 12.31
N ARG A 109 4.76 11.10 13.38
CA ARG A 109 5.28 12.39 13.86
C ARG A 109 6.62 12.19 14.57
N ASN A 110 7.69 12.72 13.98
CA ASN A 110 9.12 12.49 14.35
C ASN A 110 9.42 11.50 15.47
N ASP A 115 7.61 19.27 8.83
CA ASP A 115 8.67 18.53 9.51
C ASP A 115 8.63 17.04 9.13
N LEU A 116 7.64 16.29 9.63
CA LEU A 116 7.58 14.85 9.38
C LEU A 116 6.34 14.43 8.61
N ASN A 117 5.16 14.61 9.22
CA ASN A 117 3.87 14.70 8.54
C ASN A 117 3.75 13.75 7.34
N ASN A 118 3.88 12.46 7.62
CA ASN A 118 3.61 11.43 6.64
C ASN A 118 2.47 10.55 7.15
N SER A 119 1.58 10.16 6.23
CA SER A 119 0.39 9.39 6.57
C SER A 119 0.24 8.21 5.62
N ALA A 120 -0.32 7.13 6.14
CA ALA A 120 -0.71 5.98 5.35
C ALA A 120 -2.23 5.87 5.35
N THR A 121 -2.80 5.52 4.20
CA THR A 121 -4.25 5.45 4.04
C THR A 121 -4.65 4.03 3.70
N ILE A 122 -5.70 3.53 4.36
CA ILE A 122 -6.29 2.23 4.09
C ILE A 122 -7.77 2.45 3.80
N PHE A 123 -8.20 2.12 2.58
CA PHE A 123 -9.61 2.11 2.25
C PHE A 123 -10.16 0.72 2.53
N LEU A 124 -11.08 0.63 3.48
CA LEU A 124 -11.62 -0.65 3.92
C LEU A 124 -13.05 -0.79 3.44
N GLN A 125 -13.30 -1.77 2.59
CA GLN A 125 -14.64 -2.12 2.14
C GLN A 125 -15.06 -3.40 2.85
N VAL A 126 -16.10 -3.31 3.67
CA VAL A 126 -16.65 -4.47 4.35
C VAL A 126 -17.71 -5.07 3.45
N VAL A 127 -17.65 -6.39 3.24
CA VAL A 127 -18.62 -7.09 2.42
C VAL A 127 -19.23 -8.21 3.23
N ASP A 128 -20.39 -8.69 2.77
CA ASP A 128 -21.18 -9.69 3.47
C ASP A 128 -20.58 -11.08 3.28
N LYS A 129 -21.00 -12.01 4.15
CA LYS A 129 -20.80 -13.43 3.90
C LYS A 129 -21.97 -13.92 3.05
N LEU A 130 -21.67 -14.61 1.97
CA LEU A 130 -22.71 -15.11 1.08
C LEU A 130 -22.79 -16.63 1.13
N SER B 5 13.25 12.80 7.71
CA SER B 5 13.57 11.57 6.98
C SER B 5 12.68 10.43 7.43
N LEU B 6 11.37 10.55 7.17
CA LEU B 6 10.38 9.60 7.66
C LEU B 6 9.54 9.10 6.50
N GLU B 7 9.58 7.78 6.27
CA GLU B 7 8.81 7.14 5.21
C GLU B 7 7.87 6.11 5.81
N VAL B 8 6.66 6.03 5.24
CA VAL B 8 5.62 5.12 5.70
C VAL B 8 5.15 4.28 4.53
N SER B 9 4.79 3.03 4.83
CA SER B 9 4.42 2.07 3.81
C SER B 9 3.30 1.18 4.34
N VAL B 10 2.46 0.69 3.44
CA VAL B 10 1.41 -0.22 3.86
C VAL B 10 1.81 -1.65 3.52
N GLY B 11 3.09 -1.86 3.26
CA GLY B 11 3.65 -3.20 3.10
C GLY B 11 4.39 -3.36 1.80
N LYS B 12 4.84 -4.58 1.57
CA LYS B 12 5.46 -4.98 0.31
C LYS B 12 4.53 -5.82 -0.55
N ALA B 13 3.27 -5.98 -0.14
CA ALA B 13 2.33 -6.79 -0.89
C ALA B 13 0.93 -6.21 -0.73
N THR B 14 0.15 -6.23 -1.81
CA THR B 14 -1.23 -5.84 -1.74
C THR B 14 -2.00 -6.52 -2.86
N THR B 15 -3.32 -6.52 -2.72
CA THR B 15 -4.23 -7.03 -3.74
C THR B 15 -5.01 -5.86 -4.33
N ILE B 16 -5.20 -5.90 -5.64
CA ILE B 16 -5.80 -4.80 -6.38
C ILE B 16 -6.92 -5.37 -7.25
N TYR B 17 -8.15 -4.93 -6.98
CA TYR B 17 -9.30 -5.28 -7.80
C TYR B 17 -9.51 -4.17 -8.81
N ALA B 18 -9.47 -4.52 -10.09
CA ALA B 18 -9.49 -3.54 -11.17
C ALA B 18 -10.62 -3.87 -12.15
N ILE B 19 -11.15 -2.81 -12.78
CA ILE B 19 -12.33 -2.91 -13.64
C ILE B 19 -11.91 -3.27 -15.04
N ASN B 20 -12.59 -4.24 -15.64
CA ASN B 20 -12.34 -4.60 -17.03
C ASN B 20 -12.63 -3.42 -17.95
N GLY B 21 -11.73 -3.20 -18.90
CA GLY B 21 -11.83 -2.07 -19.80
C GLY B 21 -11.29 -0.77 -19.24
N SER B 22 -11.09 -0.69 -17.93
CA SER B 22 -10.59 0.51 -17.28
C SER B 22 -9.07 0.48 -17.23
N SER B 23 -8.46 1.43 -16.53
CA SER B 23 -7.02 1.53 -16.40
C SER B 23 -6.62 1.52 -14.93
N ILE B 24 -5.54 0.81 -14.62
CA ILE B 24 -5.09 0.64 -13.25
C ILE B 24 -3.63 1.07 -13.14
N LEU B 25 -3.26 1.56 -11.98
CA LEU B 25 -1.88 1.91 -11.68
C LEU B 25 -1.32 0.89 -10.69
N LEU B 26 -0.27 0.17 -11.10
CA LEU B 26 0.33 -0.84 -10.26
C LEU B 26 1.48 -0.21 -9.48
N PRO B 27 1.36 -0.05 -8.16
CA PRO B 27 2.27 0.83 -7.44
C PRO B 27 3.55 0.16 -6.94
N CYS B 28 4.68 0.82 -7.19
CA CYS B 28 5.93 0.45 -6.53
C CYS B 28 6.76 1.71 -6.29
N THR B 29 7.12 1.94 -5.04
CA THR B 29 8.00 3.03 -4.67
C THR B 29 9.05 2.52 -3.71
N PHE B 30 10.22 3.14 -3.75
CA PHE B 30 11.34 2.75 -2.92
C PHE B 30 11.97 3.99 -2.33
N SER B 31 12.48 3.84 -1.10
CA SER B 31 13.17 4.91 -0.42
C SER B 31 14.57 4.45 -0.06
N SER B 32 15.50 5.40 -0.05
CA SER B 32 16.82 5.14 0.51
C SER B 32 17.35 6.45 1.09
N CYS B 33 18.32 6.30 1.99
CA CYS B 33 18.94 7.44 2.64
C CYS B 33 20.38 7.65 2.17
N TYR B 34 20.80 6.95 1.12
CA TYR B 34 22.00 7.27 0.37
C TYR B 34 21.61 7.58 -1.06
N GLY B 35 22.41 8.41 -1.74
CA GLY B 35 22.19 8.63 -3.15
C GLY B 35 22.55 7.40 -3.96
N PHE B 36 21.74 7.13 -4.98
CA PHE B 36 21.88 5.90 -5.75
C PHE B 36 21.91 6.22 -7.23
N GLU B 37 22.68 5.45 -7.98
CA GLU B 37 22.75 5.59 -9.43
C GLU B 37 22.76 4.21 -10.07
N ASN B 38 22.21 4.14 -11.27
CA ASN B 38 22.06 2.90 -12.03
C ASN B 38 21.26 1.86 -11.25
N LEU B 39 20.37 2.30 -10.36
CA LEU B 39 19.47 1.38 -9.68
C LEU B 39 18.58 0.72 -10.71
N TYR B 40 18.79 -0.57 -10.95
CA TYR B 40 18.05 -1.30 -11.98
C TYR B 40 16.78 -1.88 -11.37
N PHE B 41 15.67 -1.72 -12.08
CA PHE B 41 14.38 -2.25 -11.64
C PHE B 41 13.77 -3.04 -12.79
N LYS B 42 13.05 -4.10 -12.43
CA LYS B 42 12.31 -4.88 -13.41
C LYS B 42 10.90 -5.13 -12.90
N TRP B 43 9.98 -5.31 -13.84
CA TRP B 43 8.62 -5.74 -13.56
C TRP B 43 8.42 -7.11 -14.20
N SER B 44 7.93 -8.06 -13.42
CA SER B 44 7.63 -9.39 -13.90
C SER B 44 6.15 -9.68 -13.77
N TYR B 45 5.62 -10.44 -14.72
CA TYR B 45 4.24 -10.88 -14.72
C TYR B 45 4.22 -12.40 -14.61
N ASN B 46 3.50 -12.91 -13.62
CA ASN B 46 3.37 -14.35 -13.39
C ASN B 46 1.91 -14.74 -13.47
N ASN B 47 1.61 -15.72 -14.31
CA ASN B 47 0.26 -16.19 -14.59
C ASN B 47 0.29 -17.71 -14.57
N SER B 48 -0.90 -18.32 -14.50
CA SER B 48 -0.96 -19.78 -14.54
C SER B 48 -0.36 -20.32 -15.83
N GLU B 49 -0.65 -19.67 -16.97
CA GLU B 49 -0.16 -20.16 -18.24
C GLU B 49 1.22 -19.63 -18.61
N THR B 50 1.68 -18.54 -17.99
CA THR B 50 2.87 -17.88 -18.48
C THR B 50 3.58 -17.14 -17.36
N SER B 51 4.87 -16.89 -17.58
CA SER B 51 5.68 -15.99 -16.78
C SER B 51 6.50 -15.14 -17.74
N ARG B 52 6.70 -13.87 -17.38
CA ARG B 52 7.34 -12.95 -18.31
C ARG B 52 7.80 -11.72 -17.55
N ILE B 53 8.86 -11.10 -18.06
CA ILE B 53 9.35 -9.83 -17.52
C ILE B 53 8.71 -8.72 -18.33
N LEU B 54 7.97 -7.85 -17.64
CA LEU B 54 7.21 -6.81 -18.31
C LEU B 54 8.14 -5.74 -18.90
N ILE B 55 8.76 -4.96 -18.02
CA ILE B 55 9.63 -3.87 -18.42
C ILE B 55 10.78 -3.79 -17.43
N ASP B 56 11.89 -3.22 -17.88
CA ASP B 56 12.98 -2.94 -16.99
C ASP B 56 13.64 -1.63 -17.41
N GLY B 57 14.68 -1.28 -16.69
CA GLY B 57 15.35 -0.02 -16.89
C GLY B 57 16.07 0.36 -15.62
N ILE B 58 16.47 1.62 -15.56
CA ILE B 58 17.21 2.14 -14.43
C ILE B 58 16.70 3.53 -14.09
N VAL B 59 16.73 3.86 -12.81
CA VAL B 59 16.66 5.25 -12.38
C VAL B 59 18.10 5.74 -12.29
N LYS B 60 18.46 6.67 -13.18
CA LYS B 60 19.83 7.18 -13.19
C LYS B 60 20.22 7.71 -11.82
N ASN B 61 19.33 8.48 -11.19
CA ASN B 61 19.42 8.91 -9.80
C ASN B 61 18.16 9.70 -9.45
N ASP B 62 18.14 10.26 -8.25
CA ASP B 62 17.04 11.12 -7.82
C ASP B 62 16.83 12.32 -8.73
N LYS B 63 17.77 12.59 -9.63
CA LYS B 63 17.63 13.72 -10.54
C LYS B 63 16.50 13.51 -11.52
N SER B 64 16.43 12.33 -12.13
CA SER B 64 15.73 12.19 -13.40
C SER B 64 14.63 11.14 -13.32
N ASP B 65 13.75 11.22 -14.31
CA ASP B 65 12.72 10.23 -14.55
C ASP B 65 13.36 8.89 -14.91
N PRO B 66 12.72 7.78 -14.58
CA PRO B 66 13.28 6.46 -14.91
C PRO B 66 13.26 6.20 -16.41
N LYS B 67 14.30 5.53 -16.89
CA LYS B 67 14.46 5.20 -18.30
C LYS B 67 14.10 3.72 -18.49
N VAL B 68 13.01 3.47 -19.22
CA VAL B 68 12.58 2.11 -19.51
C VAL B 68 13.51 1.51 -20.57
N ARG B 69 13.89 0.24 -20.39
CA ARG B 69 14.78 -0.41 -21.36
C ARG B 69 14.09 -1.51 -22.15
N VAL B 70 13.57 -2.54 -21.48
CA VAL B 70 12.81 -3.59 -22.14
C VAL B 70 11.35 -3.18 -22.10
N LYS B 71 10.69 -3.21 -23.26
CA LYS B 71 9.34 -2.69 -23.39
C LYS B 71 8.35 -3.84 -23.53
N ASP B 72 7.18 -3.67 -22.93
CA ASP B 72 6.12 -4.66 -23.05
C ASP B 72 4.94 -4.00 -23.74
N ASP B 73 3.91 -4.79 -23.96
CA ASP B 73 3.21 -4.88 -25.24
C ASP B 73 2.98 -3.49 -25.86
N ASP B 74 1.92 -2.79 -25.49
CA ASP B 74 1.59 -1.46 -26.00
C ASP B 74 0.96 -0.86 -24.79
N ARG B 75 0.72 -1.76 -23.83
CA ARG B 75 -0.28 -1.58 -22.79
C ARG B 75 0.30 -1.65 -21.39
N ILE B 76 1.60 -1.44 -21.27
CA ILE B 76 2.19 -1.09 -19.99
C ILE B 76 3.12 0.09 -20.22
N THR B 77 2.90 1.14 -19.47
CA THR B 77 3.72 2.34 -19.52
C THR B 77 4.33 2.55 -18.14
N LEU B 78 5.00 3.67 -17.97
CA LEU B 78 5.62 3.96 -16.68
C LEU B 78 5.27 5.37 -16.25
N GLU B 79 5.04 5.55 -14.96
CA GLU B 79 4.81 6.86 -14.38
C GLU B 79 6.14 7.54 -14.06
N THR B 86 11.23 8.64 -2.08
CA THR B 86 9.99 8.85 -2.83
C THR B 86 10.22 8.85 -4.35
N ASN B 87 10.99 7.87 -4.83
CA ASN B 87 11.18 7.66 -6.26
C ASN B 87 10.26 6.54 -6.72
N ASN B 88 9.48 6.82 -7.76
CA ASN B 88 8.25 6.10 -8.06
C ASN B 88 8.42 5.27 -9.33
N ILE B 89 8.15 3.97 -9.22
CA ILE B 89 8.43 3.02 -10.28
C ILE B 89 7.10 2.43 -10.79
N SER B 90 5.99 2.98 -10.30
CA SER B 90 4.68 2.41 -10.57
C SER B 90 4.32 2.52 -12.05
N ILE B 91 3.84 1.41 -12.61
CA ILE B 91 3.44 1.33 -14.01
C ILE B 91 1.94 1.51 -14.11
N LEU B 92 1.49 2.04 -15.24
CA LEU B 92 0.08 2.21 -15.52
C LEU B 92 -0.34 1.18 -16.57
N LEU B 93 -1.42 0.46 -16.29
CA LEU B 93 -1.98 -0.54 -17.17
C LEU B 93 -3.33 -0.01 -17.64
N SER B 94 -3.43 0.34 -18.93
CA SER B 94 -4.65 0.94 -19.46
C SER B 94 -5.48 -0.10 -20.20
N ASP B 95 -6.78 0.19 -20.31
CA ASP B 95 -7.75 -0.65 -20.99
C ASP B 95 -7.60 -2.10 -20.57
N LEU B 96 -7.86 -2.35 -19.29
CA LEU B 96 -7.69 -3.67 -18.72
C LEU B 96 -8.57 -4.70 -19.41
N GLU B 97 -8.05 -5.92 -19.51
CA GLU B 97 -8.82 -7.06 -19.94
C GLU B 97 -8.59 -8.17 -18.93
N PHE B 98 -9.58 -9.07 -18.80
CA PHE B 98 -9.51 -10.12 -17.79
C PHE B 98 -8.22 -10.93 -17.90
N SER B 99 -7.69 -11.07 -19.11
CA SER B 99 -6.43 -11.81 -19.30
C SER B 99 -5.30 -11.22 -18.48
N ASP B 100 -5.36 -9.92 -18.18
CA ASP B 100 -4.28 -9.25 -17.47
C ASP B 100 -4.17 -9.68 -16.01
N THR B 101 -5.15 -10.41 -15.49
CA THR B 101 -5.09 -10.90 -14.12
C THR B 101 -3.83 -11.74 -13.92
N GLY B 102 -3.21 -11.59 -12.76
CA GLY B 102 -1.97 -12.27 -12.47
C GLY B 102 -1.20 -11.53 -11.39
N ARG B 103 0.01 -12.01 -11.14
CA ARG B 103 0.88 -11.46 -10.12
C ARG B 103 1.95 -10.58 -10.76
N TYR B 104 1.90 -9.29 -10.45
CA TYR B 104 2.89 -8.34 -10.94
C TYR B 104 3.88 -8.06 -9.81
N THR B 105 5.16 -8.25 -10.10
CA THR B 105 6.21 -8.13 -9.10
C THR B 105 7.25 -7.12 -9.58
N CYS B 106 7.58 -6.17 -8.71
CA CYS B 106 8.58 -5.15 -9.01
C CYS B 106 9.78 -5.34 -8.10
N PHE B 107 10.94 -5.61 -8.69
CA PHE B 107 12.18 -5.85 -7.97
C PHE B 107 13.17 -4.76 -8.32
N VAL B 108 13.90 -4.27 -7.32
CA VAL B 108 14.89 -3.22 -7.50
C VAL B 108 16.25 -3.85 -7.20
N ARG B 109 17.05 -4.09 -8.24
CA ARG B 109 18.34 -4.75 -8.07
C ARG B 109 19.28 -3.88 -7.26
N ASN B 110 20.08 -4.52 -6.41
CA ASN B 110 21.03 -3.87 -5.52
C ASN B 110 22.23 -3.35 -6.32
N ASN B 118 14.13 -5.03 -1.23
CA ASN B 118 13.84 -6.22 -2.01
C ASN B 118 12.85 -5.96 -3.15
N SER B 119 11.57 -6.21 -2.90
CA SER B 119 10.58 -6.12 -3.96
C SER B 119 9.20 -5.88 -3.36
N ALA B 120 8.29 -5.41 -4.22
CA ALA B 120 6.88 -5.27 -3.89
C ALA B 120 6.06 -6.14 -4.83
N THR B 121 5.06 -6.83 -4.29
CA THR B 121 4.24 -7.75 -5.05
C THR B 121 2.81 -7.25 -5.09
N ILE B 122 2.24 -7.18 -6.30
CA ILE B 122 0.85 -6.79 -6.50
C ILE B 122 0.13 -7.97 -7.14
N PHE B 123 -0.94 -8.42 -6.48
CA PHE B 123 -1.80 -9.46 -7.03
C PHE B 123 -3.01 -8.78 -7.65
N LEU B 124 -3.06 -8.73 -8.98
CA LEU B 124 -4.07 -7.98 -9.70
C LEU B 124 -5.20 -8.90 -10.12
N GLN B 125 -6.40 -8.61 -9.63
CA GLN B 125 -7.61 -9.32 -10.01
C GLN B 125 -8.50 -8.38 -10.81
N VAL B 126 -8.73 -8.71 -12.08
CA VAL B 126 -9.59 -7.93 -12.95
C VAL B 126 -11.02 -8.42 -12.78
N VAL B 127 -11.95 -7.49 -12.59
CA VAL B 127 -13.35 -7.82 -12.34
C VAL B 127 -14.24 -6.92 -13.18
N ASP B 128 -15.56 -6.99 -12.94
CA ASP B 128 -16.50 -6.04 -13.50
C ASP B 128 -17.45 -5.60 -12.39
N LYS B 129 -18.04 -4.42 -12.58
CA LYS B 129 -18.93 -3.82 -11.60
C LYS B 129 -20.29 -3.55 -12.22
N LEU B 130 -21.34 -3.84 -11.47
CA LEU B 130 -22.67 -3.37 -11.85
C LEU B 130 -22.70 -1.85 -11.79
N GLU B 131 -23.61 -1.26 -12.57
CA GLU B 131 -23.78 0.18 -12.53
C GLU B 131 -24.10 0.65 -11.12
N LYS B 132 -24.87 -0.13 -10.38
CA LYS B 132 -25.48 0.32 -9.16
C LYS B 132 -25.58 -0.85 -8.20
N VAL B 133 -26.35 -0.68 -7.14
CA VAL B 133 -26.95 -1.80 -6.44
C VAL B 133 -28.47 -1.59 -6.56
N ASP B 134 -29.27 -2.44 -5.91
CA ASP B 134 -30.51 -2.93 -6.53
C ASP B 134 -31.38 -1.92 -7.29
N ASN B 135 -32.03 -1.01 -6.58
CA ASN B 135 -32.99 -0.07 -7.18
C ASN B 135 -32.74 1.30 -6.58
N HIS B 136 -32.00 2.14 -7.29
CA HIS B 136 -31.64 3.45 -6.77
C HIS B 136 -32.67 4.50 -7.14
N HIS B 137 -32.45 5.70 -6.60
CA HIS B 137 -33.30 6.87 -6.72
C HIS B 137 -32.99 7.68 -7.97
C1 GOL C . -20.26 -6.29 -2.14
O1 GOL C . -19.22 -5.36 -2.37
C2 GOL C . -21.07 -5.89 -0.91
O2 GOL C . -21.67 -4.65 -1.14
C3 GOL C . -22.16 -6.91 -0.62
O3 GOL C . -21.58 -8.16 -0.28
#